data_5EJN
#
_entry.id   5EJN
#
_cell.length_a   38.100
_cell.length_b   52.200
_cell.length_c   87.500
_cell.angle_alpha   90.00
_cell.angle_beta   90.00
_cell.angle_gamma   90.00
#
_symmetry.space_group_name_H-M   'P 1 21 1'
#
loop_
_entity.id
_entity.type
_entity.pdbx_description
1 polymer 'Sperm-egg fusion protein Juno'
2 non-polymer 2-acetamido-2-deoxy-beta-D-glucopyranose
#
_entity_poly.entity_id   1
_entity_poly.type   'polypeptide(L)'
_entity_poly.pdbx_seq_one_letter_code
;ETGAAAGDKLLSVCMNSKRHKQEPGPEDELYQECRPWEDNACCTRSTSWEAHLEEPLLFNFSMMHCGLLTPACRKHFIQA
ICFHECSPNLGPWIQPVVPNGQEEQRVWGVPLCQEDCEDWWRACHSSLTCKSNWLHGWDWSEEKKHCPAHEPCLPFSYHF
PTPDDLCEKIWNNTFKASPERRNSGRCLQKWFEPTLSNPNVEVALHFAHHHHHHHH
;
_entity_poly.pdbx_strand_id   A,B
#
loop_
_chem_comp.id
_chem_comp.type
_chem_comp.name
_chem_comp.formula
NAG D-saccharide, beta linking 2-acetamido-2-deoxy-beta-D-glucopyranose 'C8 H15 N O6'
#
# COMPACT_ATOMS: atom_id res chain seq x y z
N ASP A 8 24.07 0.48 6.76
CA ASP A 8 24.12 0.83 5.34
C ASP A 8 23.43 2.17 5.09
N LYS A 9 23.16 2.48 3.83
CA LYS A 9 22.74 3.82 3.45
C LYS A 9 21.28 4.10 3.79
N LEU A 10 20.95 5.39 3.77
CA LEU A 10 19.65 5.99 4.07
C LEU A 10 19.25 5.67 5.52
N LEU A 11 17.95 5.63 5.80
CA LEU A 11 17.41 5.18 7.07
C LEU A 11 17.19 3.68 7.10
N SER A 12 16.66 3.12 6.01
CA SER A 12 16.46 1.68 5.89
C SER A 12 17.76 1.02 5.49
N VAL A 13 18.18 0.03 6.29
CA VAL A 13 19.42 -0.70 6.03
C VAL A 13 19.17 -2.17 6.30
N CYS A 14 19.81 -3.02 5.50
CA CYS A 14 19.73 -4.46 5.67
C CYS A 14 21.02 -4.98 6.29
N MET A 15 20.89 -5.89 7.25
CA MET A 15 22.07 -6.53 7.81
C MET A 15 22.87 -7.20 6.70
N ASN A 16 24.19 -7.02 6.73
CA ASN A 16 25.06 -7.59 5.71
C ASN A 16 25.37 -9.04 6.07
N SER A 17 24.94 -9.95 5.20
CA SER A 17 25.06 -11.39 5.46
C SER A 17 24.76 -12.13 4.16
N LYS A 18 24.82 -13.46 4.24
CA LYS A 18 24.52 -14.27 3.06
C LYS A 18 23.03 -14.28 2.75
N ARG A 19 22.20 -14.61 3.74
CA ARG A 19 20.76 -14.70 3.52
C ARG A 19 20.15 -13.37 3.15
N HIS A 20 20.84 -12.26 3.41
CA HIS A 20 20.28 -10.94 3.22
C HIS A 20 21.17 -10.13 2.28
N LYS A 21 20.52 -9.24 1.52
CA LYS A 21 21.22 -8.40 0.56
C LYS A 21 22.05 -7.34 1.28
N ASP A 28 9.66 -7.59 -6.32
CA ASP A 28 8.39 -7.27 -6.98
C ASP A 28 7.47 -8.48 -7.01
N GLU A 29 8.06 -9.68 -6.92
CA GLU A 29 7.32 -10.93 -6.90
C GLU A 29 7.83 -11.76 -5.72
N LEU A 30 6.96 -11.97 -4.72
CA LEU A 30 7.28 -12.77 -3.55
C LEU A 30 6.17 -13.79 -3.36
N TYR A 31 6.42 -14.76 -2.49
CA TYR A 31 5.57 -15.93 -2.34
C TYR A 31 4.83 -15.81 -1.01
N GLN A 32 3.50 -15.86 -1.07
CA GLN A 32 2.64 -16.05 0.12
C GLN A 32 2.98 -15.02 1.18
N GLU A 33 3.23 -15.43 2.43
CA GLU A 33 3.30 -14.55 3.59
C GLU A 33 4.39 -13.49 3.47
N CYS A 34 5.40 -13.71 2.62
CA CYS A 34 6.45 -12.70 2.49
C CYS A 34 6.07 -11.56 1.55
N ARG A 35 4.90 -11.62 0.91
CA ARG A 35 4.50 -10.58 -0.02
C ARG A 35 4.42 -9.17 0.58
N PRO A 36 4.03 -8.97 1.84
CA PRO A 36 3.83 -7.59 2.33
C PRO A 36 5.01 -6.65 2.11
N TRP A 37 6.24 -7.16 2.05
CA TRP A 37 7.42 -6.31 1.96
C TRP A 37 7.84 -6.03 0.51
N GLU A 38 7.02 -6.40 -0.47
CA GLU A 38 7.45 -6.33 -1.87
C GLU A 38 8.09 -4.99 -2.22
N ASP A 39 7.49 -3.89 -1.77
CA ASP A 39 8.01 -2.57 -2.17
C ASP A 39 9.43 -2.36 -1.66
N ASN A 40 9.73 -2.75 -0.43
CA ASN A 40 11.10 -2.73 0.08
C ASN A 40 11.31 -4.01 0.88
N ALA A 41 12.32 -4.79 0.48
CA ALA A 41 12.59 -6.08 1.10
C ALA A 41 14.09 -6.31 1.17
N CYS A 42 14.52 -6.95 2.24
CA CYS A 42 15.92 -7.35 2.42
C CYS A 42 16.20 -8.77 1.98
N CYS A 43 15.20 -9.49 1.47
CA CYS A 43 15.35 -10.90 1.08
C CYS A 43 14.95 -11.07 -0.38
N THR A 44 15.72 -11.90 -1.08
CA THR A 44 15.45 -12.24 -2.47
C THR A 44 14.28 -13.22 -2.57
N ARG A 45 13.74 -13.33 -3.80
CA ARG A 45 12.62 -14.23 -4.05
C ARG A 45 12.87 -15.62 -3.48
N SER A 46 14.00 -16.23 -3.86
CA SER A 46 14.32 -17.57 -3.38
C SER A 46 14.33 -17.67 -1.87
N THR A 47 14.53 -16.55 -1.17
CA THR A 47 14.50 -16.56 0.29
C THR A 47 13.08 -16.73 0.81
N SER A 48 12.11 -16.04 0.19
CA SER A 48 10.72 -16.24 0.57
C SER A 48 10.24 -17.63 0.18
N TRP A 49 10.37 -17.98 -1.10
CA TRP A 49 9.97 -19.31 -1.55
C TRP A 49 10.56 -20.39 -0.65
N GLU A 50 11.87 -20.31 -0.42
CA GLU A 50 12.52 -21.30 0.45
C GLU A 50 12.02 -21.20 1.88
N ALA A 51 11.61 -20.01 2.31
CA ALA A 51 11.10 -19.84 3.67
C ALA A 51 9.77 -20.56 3.85
N HIS A 52 8.99 -20.71 2.78
CA HIS A 52 7.74 -21.46 2.89
C HIS A 52 7.94 -22.96 2.86
N LEU A 53 9.08 -23.43 2.39
CA LEU A 53 9.36 -24.86 2.42
C LEU A 53 9.45 -25.36 3.86
N CYS A 66 7.84 -31.97 16.77
CA CYS A 66 7.12 -33.22 16.93
C CYS A 66 5.68 -33.10 16.43
N GLY A 67 5.32 -33.98 15.49
CA GLY A 67 3.94 -34.16 15.10
C GLY A 67 3.43 -33.12 14.13
N LEU A 68 2.21 -33.36 13.66
CA LEU A 68 1.56 -32.45 12.72
C LEU A 68 1.35 -31.09 13.37
N LEU A 69 1.77 -30.04 12.67
CA LEU A 69 1.66 -28.68 13.17
C LEU A 69 0.50 -27.97 12.48
N THR A 70 -0.26 -27.22 13.27
CA THR A 70 -1.47 -26.60 12.76
C THR A 70 -1.15 -25.70 11.57
N PRO A 71 -2.11 -25.47 10.67
CA PRO A 71 -1.84 -24.50 9.59
C PRO A 71 -1.58 -23.11 10.11
N ALA A 72 -2.26 -22.73 11.20
CA ALA A 72 -2.06 -21.41 11.78
C ALA A 72 -0.69 -21.27 12.43
N CYS A 73 -0.25 -22.30 13.16
CA CYS A 73 1.05 -22.21 13.83
C CYS A 73 2.17 -22.06 12.80
N ARG A 74 2.23 -22.97 11.83
CA ARG A 74 3.24 -22.85 10.78
C ARG A 74 3.09 -21.52 10.05
N LYS A 75 1.85 -21.10 9.79
CA LYS A 75 1.63 -19.78 9.21
C LYS A 75 2.38 -18.71 10.01
N HIS A 76 2.25 -18.76 11.33
CA HIS A 76 2.88 -17.76 12.18
C HIS A 76 4.40 -17.87 12.13
N PHE A 77 4.94 -19.09 12.16
CA PHE A 77 6.38 -19.27 12.04
C PHE A 77 6.90 -18.64 10.74
N ILE A 78 6.34 -19.06 9.61
CA ILE A 78 6.78 -18.52 8.32
C ILE A 78 6.64 -17.01 8.31
N GLN A 79 5.57 -16.48 8.90
CA GLN A 79 5.44 -15.03 9.02
C GLN A 79 6.67 -14.45 9.73
N ALA A 80 7.04 -15.04 10.86
CA ALA A 80 8.22 -14.57 11.59
C ALA A 80 9.46 -14.62 10.72
N ILE A 81 9.58 -15.64 9.85
CA ILE A 81 10.76 -15.75 8.99
C ILE A 81 10.75 -14.65 7.94
N CYS A 82 9.62 -14.44 7.27
CA CYS A 82 9.51 -13.31 6.36
C CYS A 82 9.92 -12.01 7.06
N PHE A 83 9.57 -11.89 8.33
CA PHE A 83 9.94 -10.68 9.08
C PHE A 83 11.45 -10.58 9.26
N HIS A 84 12.07 -11.64 9.78
CA HIS A 84 13.51 -11.61 10.02
C HIS A 84 14.29 -11.37 8.74
N GLU A 85 13.99 -12.12 7.69
CA GLU A 85 14.75 -12.03 6.45
C GLU A 85 14.44 -10.75 5.68
N CYS A 86 13.15 -10.52 5.41
CA CYS A 86 12.74 -9.60 4.34
C CYS A 86 12.40 -8.21 4.84
N SER A 87 12.55 -7.90 6.14
CA SER A 87 12.05 -6.61 6.59
C SER A 87 13.17 -5.56 6.56
N PRO A 88 12.97 -4.41 5.92
CA PRO A 88 13.98 -3.34 5.98
C PRO A 88 14.11 -2.69 7.36
N ASN A 89 13.17 -2.94 8.25
CA ASN A 89 13.04 -2.19 9.49
C ASN A 89 13.86 -2.76 10.65
N LEU A 90 14.70 -3.76 10.38
CA LEU A 90 15.43 -4.46 11.42
C LEU A 90 16.72 -3.77 11.84
N GLY A 91 17.01 -2.58 11.29
CA GLY A 91 18.28 -1.92 11.52
C GLY A 91 18.63 -1.68 12.97
N PRO A 92 17.75 -0.99 13.72
CA PRO A 92 18.15 -0.51 15.05
C PRO A 92 18.64 -1.60 16.01
N TRP A 93 18.07 -2.79 15.95
CA TRP A 93 18.42 -3.86 16.88
C TRP A 93 19.55 -4.74 16.39
N ILE A 94 20.15 -4.43 15.23
CA ILE A 94 21.27 -5.23 14.74
C ILE A 94 22.41 -5.17 15.74
N GLN A 95 22.87 -6.34 16.17
CA GLN A 95 24.06 -6.46 16.98
C GLN A 95 25.03 -7.42 16.30
N PRO A 96 26.34 -7.25 16.49
CA PRO A 96 27.29 -8.12 15.79
C PRO A 96 27.34 -9.51 16.40
N VAL A 97 27.71 -10.48 15.58
CA VAL A 97 27.89 -11.84 16.06
C VAL A 97 29.18 -11.97 16.86
N VAL A 98 30.25 -11.33 16.39
CA VAL A 98 31.55 -11.35 17.07
C VAL A 98 32.01 -9.93 17.35
N GLN A 105 26.19 -10.58 10.98
CA GLN A 105 25.23 -9.75 11.69
C GLN A 105 24.16 -10.58 12.38
N ARG A 106 23.57 -10.01 13.44
CA ARG A 106 22.50 -10.66 14.16
C ARG A 106 21.58 -9.58 14.71
N VAL A 107 20.36 -9.99 15.06
CA VAL A 107 19.34 -9.10 15.60
C VAL A 107 18.94 -9.61 16.97
N TRP A 108 18.89 -8.71 17.96
CA TRP A 108 18.58 -9.08 19.34
C TRP A 108 17.43 -8.22 19.83
N GLY A 109 16.32 -8.87 20.19
CA GLY A 109 15.23 -8.21 20.87
C GLY A 109 14.52 -7.13 20.08
N VAL A 110 14.06 -7.44 18.88
CA VAL A 110 13.15 -6.54 18.17
C VAL A 110 11.79 -6.66 18.83
N PRO A 111 11.20 -5.57 19.30
CA PRO A 111 9.93 -5.69 20.02
C PRO A 111 8.83 -6.17 19.08
N LEU A 112 8.11 -7.19 19.51
CA LEU A 112 6.92 -7.66 18.81
C LEU A 112 5.70 -7.30 19.64
N CYS A 113 4.65 -6.87 18.95
CA CYS A 113 3.46 -6.38 19.61
C CYS A 113 2.77 -7.53 20.37
N GLN A 114 2.05 -7.15 21.44
CA GLN A 114 1.40 -8.15 22.28
C GLN A 114 0.54 -9.10 21.45
N GLU A 115 -0.21 -8.57 20.48
CA GLU A 115 -1.09 -9.40 19.68
C GLU A 115 -0.30 -10.41 18.84
N ASP A 116 0.86 -10.00 18.34
CA ASP A 116 1.69 -10.88 17.54
C ASP A 116 2.04 -12.15 18.34
N CYS A 117 2.80 -11.97 19.42
CA CYS A 117 3.19 -13.12 20.22
C CYS A 117 1.98 -13.83 20.81
N GLU A 118 0.87 -13.10 21.01
CA GLU A 118 -0.33 -13.73 21.56
C GLU A 118 -0.92 -14.73 20.57
N ASP A 119 -1.25 -14.27 19.36
CA ASP A 119 -1.81 -15.17 18.35
C ASP A 119 -0.82 -16.26 17.98
N TRP A 120 0.47 -15.94 17.98
CA TRP A 120 1.50 -16.94 17.79
C TRP A 120 1.36 -18.05 18.83
N TRP A 121 1.50 -17.70 20.11
CA TRP A 121 1.49 -18.69 21.18
C TRP A 121 0.17 -19.43 21.26
N ARG A 122 -0.94 -18.80 20.86
CA ARG A 122 -2.23 -19.46 20.91
C ARG A 122 -2.41 -20.44 19.75
N ALA A 123 -1.98 -20.04 18.55
CA ALA A 123 -2.04 -20.96 17.42
C ALA A 123 -1.13 -22.16 17.65
N CYS A 124 0.05 -21.94 18.20
CA CYS A 124 0.99 -23.02 18.47
C CYS A 124 0.77 -23.68 19.82
N HIS A 125 -0.25 -23.25 20.58
CA HIS A 125 -0.52 -23.83 21.89
C HIS A 125 -0.86 -25.31 21.76
N SER A 126 -1.88 -25.63 20.96
CA SER A 126 -2.30 -27.03 20.79
C SER A 126 -1.14 -27.92 20.40
N SER A 127 -0.27 -27.44 19.51
CA SER A 127 0.88 -28.22 19.06
C SER A 127 1.89 -28.38 20.20
N LEU A 128 2.79 -29.35 20.01
CA LEU A 128 3.82 -29.68 20.98
C LEU A 128 5.19 -29.64 20.32
N THR A 129 6.24 -29.61 21.14
CA THR A 129 7.60 -29.55 20.62
C THR A 129 8.56 -30.30 21.54
N CYS A 130 9.65 -30.78 20.94
CA CYS A 130 10.65 -31.58 21.66
C CYS A 130 11.57 -30.72 22.53
N LYS A 131 12.18 -29.69 21.93
CA LYS A 131 13.31 -29.01 22.54
C LYS A 131 13.08 -27.50 22.56
N SER A 132 13.64 -26.84 23.58
CA SER A 132 13.43 -25.41 23.79
C SER A 132 14.46 -24.53 23.09
N ASN A 133 15.56 -25.11 22.60
CA ASN A 133 16.51 -24.33 21.81
C ASN A 133 15.84 -23.70 20.61
N TRP A 134 15.11 -24.51 19.82
CA TRP A 134 14.38 -24.02 18.67
C TRP A 134 15.28 -23.24 17.72
N LEU A 135 16.41 -23.85 17.37
CA LEU A 135 17.35 -23.22 16.46
C LEU A 135 16.92 -23.51 15.02
N HIS A 136 16.55 -22.46 14.29
CA HIS A 136 16.09 -22.58 12.92
C HIS A 136 16.85 -21.58 12.07
N GLY A 137 17.55 -22.09 11.06
CA GLY A 137 18.41 -21.25 10.24
C GLY A 137 19.74 -20.91 10.84
N TRP A 138 19.93 -21.18 12.13
CA TRP A 138 21.21 -20.95 12.81
C TRP A 138 21.34 -21.86 14.02
N CYS A 153 8.58 -35.07 23.64
CA CYS A 153 7.76 -34.16 22.87
C CYS A 153 6.69 -33.51 23.76
N LEU A 154 7.06 -32.43 24.43
CA LEU A 154 6.16 -31.73 25.32
C LEU A 154 5.43 -30.60 24.60
N PRO A 155 4.28 -30.15 25.12
CA PRO A 155 3.54 -29.05 24.48
C PRO A 155 4.36 -27.77 24.42
N PHE A 156 3.93 -26.87 23.51
CA PHE A 156 4.53 -25.55 23.44
C PHE A 156 4.28 -24.78 24.73
N SER A 157 3.08 -24.87 25.29
CA SER A 157 2.76 -24.14 26.51
C SER A 157 3.75 -24.48 27.62
N TYR A 158 4.22 -25.74 27.67
CA TYR A 158 5.19 -26.12 28.68
C TYR A 158 6.52 -25.40 28.45
N HIS A 159 7.09 -25.55 27.26
CA HIS A 159 8.33 -24.84 26.95
C HIS A 159 8.13 -23.33 26.99
N PHE A 160 6.92 -22.85 26.69
CA PHE A 160 6.60 -21.43 26.67
C PHE A 160 5.27 -21.23 27.37
N PRO A 161 5.26 -21.10 28.70
CA PRO A 161 3.97 -20.89 29.40
C PRO A 161 3.31 -19.58 29.03
N THR A 162 4.09 -18.52 28.83
CA THR A 162 3.58 -17.21 28.48
C THR A 162 4.12 -16.77 27.12
N PRO A 163 3.34 -16.04 26.32
CA PRO A 163 3.88 -15.56 25.04
C PRO A 163 5.24 -14.89 25.18
N ASP A 164 5.48 -14.19 26.29
CA ASP A 164 6.83 -13.70 26.58
C ASP A 164 7.86 -14.81 26.47
N ASP A 165 7.55 -15.99 27.01
CA ASP A 165 8.47 -17.11 26.92
C ASP A 165 8.72 -17.52 25.47
N LEU A 166 7.66 -17.52 24.64
CA LEU A 166 7.82 -17.93 23.25
C LEU A 166 8.67 -16.94 22.47
N CYS A 167 8.29 -15.65 22.50
CA CYS A 167 8.99 -14.67 21.67
C CYS A 167 10.39 -14.40 22.21
N GLU A 168 10.57 -14.42 23.53
CA GLU A 168 11.90 -14.18 24.11
C GLU A 168 12.81 -15.39 23.92
N LYS A 169 12.37 -16.56 24.38
CA LYS A 169 13.23 -17.74 24.36
C LYS A 169 13.53 -18.21 22.94
N ILE A 170 12.68 -17.90 21.98
CA ILE A 170 12.88 -18.35 20.61
C ILE A 170 14.08 -17.62 20.01
N TRP A 171 15.04 -18.39 19.50
CA TRP A 171 16.19 -17.83 18.78
C TRP A 171 17.06 -16.95 19.67
N ASN A 172 17.15 -17.30 20.96
CA ASN A 172 18.00 -16.57 21.90
C ASN A 172 17.68 -15.08 21.91
N ASN A 173 16.40 -14.77 22.11
CA ASN A 173 15.95 -13.39 22.25
C ASN A 173 16.16 -12.59 20.97
N THR A 174 15.88 -13.22 19.82
CA THR A 174 15.82 -12.46 18.57
C THR A 174 14.69 -11.45 18.61
N PHE A 175 13.59 -11.79 19.30
CA PHE A 175 12.47 -10.88 19.50
C PHE A 175 12.36 -10.55 20.98
N LYS A 176 11.79 -9.38 21.27
CA LYS A 176 11.39 -9.01 22.60
C LYS A 176 9.87 -9.03 22.67
N ALA A 177 9.34 -9.34 23.85
CA ALA A 177 7.90 -9.35 24.04
C ALA A 177 7.49 -7.96 24.50
N SER A 178 6.79 -7.20 23.60
CA SER A 178 6.57 -5.82 23.98
C SER A 178 5.23 -5.66 24.71
N PRO A 179 5.17 -4.88 25.79
CA PRO A 179 3.86 -4.61 26.40
C PRO A 179 2.97 -3.75 25.53
N GLU A 180 3.53 -3.10 24.50
CA GLU A 180 2.78 -2.19 23.66
C GLU A 180 2.00 -2.95 22.60
N ARG A 181 0.73 -2.62 22.48
CA ARG A 181 -0.16 -3.25 21.52
C ARG A 181 0.08 -2.72 20.10
N ARG A 182 -0.45 -3.47 19.13
CA ARG A 182 -0.13 -3.27 17.72
C ARG A 182 -0.20 -1.80 17.30
N ASN A 183 -1.25 -1.09 17.70
CA ASN A 183 -1.53 0.21 17.11
C ASN A 183 -0.73 1.36 17.72
N SER A 184 -0.14 1.16 18.91
CA SER A 184 0.52 2.26 19.59
C SER A 184 1.61 2.89 18.71
N GLY A 185 2.37 2.05 17.99
CA GLY A 185 3.48 2.52 17.20
C GLY A 185 4.84 2.32 17.84
N ARG A 186 4.88 1.73 19.04
CA ARG A 186 6.13 1.45 19.74
C ARG A 186 6.60 0.01 19.55
N CYS A 187 5.85 -0.81 18.82
CA CYS A 187 6.16 -2.22 18.67
C CYS A 187 6.04 -2.62 17.20
N LEU A 188 6.87 -3.57 16.78
CA LEU A 188 6.89 -4.02 15.40
C LEU A 188 5.88 -5.13 15.18
N GLN A 189 5.25 -5.10 14.02
CA GLN A 189 4.20 -6.05 13.67
C GLN A 189 4.81 -7.20 12.88
N LYS A 190 4.67 -8.42 13.39
CA LYS A 190 5.26 -9.58 12.73
C LYS A 190 4.76 -9.71 11.30
N TRP A 191 3.49 -9.43 11.06
CA TRP A 191 2.90 -9.61 9.74
C TRP A 191 1.80 -8.59 9.51
N PHE A 192 1.68 -8.15 8.27
CA PHE A 192 0.62 -7.23 7.87
C PHE A 192 0.15 -7.60 6.48
N GLU A 193 -1.07 -7.22 6.16
CA GLU A 193 -1.63 -7.56 4.86
C GLU A 193 -0.95 -6.73 3.77
N PRO A 194 -0.56 -7.34 2.64
CA PRO A 194 0.35 -6.62 1.73
C PRO A 194 -0.21 -5.31 1.20
N THR A 195 -1.53 -5.20 1.03
CA THR A 195 -2.10 -4.01 0.42
C THR A 195 -1.90 -2.78 1.29
N LEU A 196 -2.04 -2.92 2.60
CA LEU A 196 -1.99 -1.78 3.50
C LEU A 196 -0.57 -1.27 3.69
N SER A 197 -0.46 -0.04 4.19
CA SER A 197 0.82 0.57 4.48
C SER A 197 1.54 -0.18 5.60
N ASN A 198 2.85 0.03 5.66
CA ASN A 198 3.70 -0.70 6.61
C ASN A 198 3.74 0.05 7.94
N PRO A 199 3.25 -0.54 9.03
CA PRO A 199 3.28 0.17 10.32
C PRO A 199 4.67 0.27 10.94
N ASN A 200 5.63 -0.57 10.52
CA ASN A 200 6.88 -0.71 11.24
C ASN A 200 7.95 0.30 10.85
N VAL A 201 7.78 1.03 9.74
CA VAL A 201 8.77 2.00 9.32
C VAL A 201 8.97 3.07 10.40
N GLU A 202 7.93 3.87 10.64
CA GLU A 202 8.00 4.92 11.64
C GLU A 202 8.48 4.39 12.98
N VAL A 203 8.24 3.11 13.26
CA VAL A 203 8.69 2.52 14.52
C VAL A 203 10.20 2.29 14.48
N ALA A 204 10.71 1.81 13.34
CA ALA A 204 12.16 1.65 13.19
C ALA A 204 12.87 2.98 13.29
N LEU A 205 12.26 4.05 12.80
CA LEU A 205 12.83 5.38 13.01
C LEU A 205 12.78 5.76 14.48
N HIS A 206 11.61 5.56 15.10
CA HIS A 206 11.45 5.92 16.51
C HIS A 206 12.52 5.24 17.37
N PHE A 207 12.79 3.96 17.13
CA PHE A 207 13.82 3.28 17.90
C PHE A 207 15.22 3.62 17.42
N ALA A 208 15.38 4.00 16.15
CA ALA A 208 16.70 4.38 15.66
C ALA A 208 17.17 5.68 16.28
N HIS A 209 16.25 6.56 16.65
CA HIS A 209 16.62 7.83 17.28
C HIS A 209 16.35 7.81 18.78
N HIS A 210 15.07 7.74 19.17
CA HIS A 210 14.72 7.77 20.59
C HIS A 210 15.44 6.67 21.37
N HIS A 211 15.65 5.51 20.76
CA HIS A 211 16.29 4.39 21.45
C HIS A 211 17.48 3.86 20.66
N LEU B 10 -18.61 -7.59 -8.26
CA LEU B 10 -17.18 -7.33 -8.27
C LEU B 10 -16.87 -5.99 -7.61
N LEU B 11 -15.93 -6.01 -6.67
CA LEU B 11 -15.58 -4.79 -5.94
C LEU B 11 -14.64 -3.90 -6.74
N SER B 12 -13.65 -4.50 -7.41
CA SER B 12 -12.68 -3.77 -8.22
C SER B 12 -13.01 -3.99 -9.69
N VAL B 13 -13.42 -2.94 -10.37
CA VAL B 13 -13.88 -3.02 -11.75
C VAL B 13 -13.13 -2.00 -12.60
N CYS B 14 -13.00 -2.32 -13.88
CA CYS B 14 -12.49 -1.38 -14.88
C CYS B 14 -13.60 -1.05 -15.85
N MET B 15 -13.71 0.23 -16.21
CA MET B 15 -14.70 0.63 -17.20
C MET B 15 -14.38 -0.05 -18.53
N ASN B 16 -15.38 -0.70 -19.11
CA ASN B 16 -15.15 -1.44 -20.36
C ASN B 16 -14.98 -0.46 -21.50
N SER B 17 -13.82 -0.50 -22.14
CA SER B 17 -13.51 0.35 -23.28
C SER B 17 -12.35 -0.28 -24.04
N LYS B 18 -12.17 0.16 -25.28
CA LYS B 18 -11.05 -0.35 -26.08
C LYS B 18 -9.72 -0.01 -25.41
N ARG B 19 -9.60 1.19 -24.83
CA ARG B 19 -8.35 1.56 -24.18
C ARG B 19 -8.24 0.99 -22.77
N HIS B 20 -9.36 0.73 -22.10
CA HIS B 20 -9.32 0.25 -20.72
C HIS B 20 -9.31 -1.27 -20.67
N LYS B 21 -8.53 -1.80 -19.73
CA LYS B 21 -8.56 -3.23 -19.45
C LYS B 21 -9.91 -3.61 -18.87
N GLN B 22 -10.32 -4.86 -19.11
CA GLN B 22 -11.58 -5.35 -18.56
C GLN B 22 -11.44 -5.77 -17.11
N GLU B 23 -10.31 -6.39 -16.76
CA GLU B 23 -10.09 -6.94 -15.42
C GLU B 23 -9.00 -6.15 -14.72
N PRO B 24 -9.26 -5.53 -13.55
CA PRO B 24 -8.18 -4.82 -12.86
C PRO B 24 -7.11 -5.76 -12.32
N LEU B 30 5.22 0.43 -13.90
CA LEU B 30 4.39 1.62 -14.09
C LEU B 30 5.26 2.86 -13.98
N TYR B 31 4.94 3.88 -14.78
CA TYR B 31 5.86 5.00 -15.02
C TYR B 31 5.41 6.23 -14.24
N GLN B 32 6.24 6.65 -13.28
CA GLN B 32 6.15 7.95 -12.60
C GLN B 32 4.82 8.05 -11.85
N GLU B 33 4.02 9.09 -12.07
CA GLU B 33 2.94 9.42 -11.14
C GLU B 33 1.86 8.35 -11.10
N CYS B 34 1.75 7.52 -12.13
CA CYS B 34 0.79 6.42 -12.09
C CYS B 34 1.11 5.39 -11.01
N ARG B 35 2.32 5.41 -10.45
CA ARG B 35 2.79 4.28 -9.65
C ARG B 35 1.84 3.86 -8.52
N PRO B 36 1.12 4.75 -7.83
CA PRO B 36 0.32 4.29 -6.67
C PRO B 36 -0.66 3.16 -7.00
N TRP B 37 -1.03 2.97 -8.26
CA TRP B 37 -1.96 1.93 -8.67
C TRP B 37 -1.26 0.66 -9.14
N GLU B 38 0.07 0.59 -9.01
CA GLU B 38 0.83 -0.54 -9.55
C GLU B 38 0.22 -1.88 -9.14
N ASP B 39 -0.24 -1.99 -7.89
CA ASP B 39 -0.74 -3.27 -7.40
C ASP B 39 -2.07 -3.64 -8.06
N ASN B 40 -3.01 -2.70 -8.15
CA ASN B 40 -4.26 -2.89 -8.86
C ASN B 40 -4.41 -1.75 -9.86
N ALA B 41 -4.47 -2.09 -11.14
CA ALA B 41 -4.49 -1.07 -12.18
C ALA B 41 -5.35 -1.51 -13.35
N CYS B 42 -6.09 -0.56 -13.91
CA CYS B 42 -6.78 -0.72 -15.18
C CYS B 42 -5.98 -0.17 -16.35
N CYS B 43 -4.75 0.29 -16.11
CA CYS B 43 -3.97 1.02 -17.09
C CYS B 43 -2.78 0.19 -17.54
N THR B 44 -2.56 0.14 -18.85
CA THR B 44 -1.43 -0.59 -19.42
C THR B 44 -0.16 0.24 -19.32
N ARG B 45 0.98 -0.45 -19.35
CA ARG B 45 2.27 0.24 -19.40
C ARG B 45 2.29 1.26 -20.53
N SER B 46 1.97 0.81 -21.75
CA SER B 46 1.92 1.71 -22.90
C SER B 46 1.07 2.93 -22.57
N THR B 47 -0.08 2.72 -21.91
CA THR B 47 -0.88 3.85 -21.45
C THR B 47 -0.10 4.67 -20.44
N SER B 48 0.64 4.02 -19.55
CA SER B 48 1.35 4.73 -18.50
C SER B 48 2.37 5.72 -19.09
N TRP B 49 3.06 5.31 -20.15
CA TRP B 49 4.00 6.22 -20.79
C TRP B 49 3.27 7.25 -21.66
N GLU B 50 2.27 6.81 -22.40
CA GLU B 50 1.56 7.72 -23.30
C GLU B 50 0.84 8.83 -22.55
N ALA B 51 0.59 8.63 -21.26
CA ALA B 51 -0.17 9.61 -20.49
C ALA B 51 0.66 10.81 -20.04
N HIS B 52 1.99 10.71 -20.07
CA HIS B 52 2.86 11.75 -19.57
C HIS B 52 3.28 12.76 -20.63
N LEU B 53 2.69 12.69 -21.82
CA LEU B 53 3.10 13.50 -22.96
C LEU B 53 2.12 14.65 -23.18
N GLU B 54 2.64 15.76 -23.73
CA GLU B 54 1.87 16.99 -23.77
C GLU B 54 0.68 16.89 -24.73
N GLU B 55 0.84 16.16 -25.82
CA GLU B 55 -0.23 15.97 -26.81
C GLU B 55 -0.47 14.48 -27.03
N PRO B 56 -1.06 13.80 -26.05
CA PRO B 56 -1.33 12.38 -26.18
C PRO B 56 -2.53 12.11 -27.08
N LEU B 57 -2.66 10.84 -27.50
CA LEU B 57 -3.77 10.39 -28.32
C LEU B 57 -5.11 10.88 -27.77
N LEU B 69 2.05 26.17 -19.69
CA LEU B 69 1.66 26.03 -18.29
C LEU B 69 2.86 25.76 -17.39
N THR B 70 2.64 25.84 -16.08
CA THR B 70 3.71 25.53 -15.13
C THR B 70 3.93 24.02 -15.09
N PRO B 71 5.16 23.57 -14.84
CA PRO B 71 5.39 22.12 -14.71
C PRO B 71 4.53 21.48 -13.65
N ALA B 72 4.22 22.21 -12.57
CA ALA B 72 3.30 21.71 -11.56
C ALA B 72 1.92 21.43 -12.17
N CYS B 73 1.43 22.36 -12.99
CA CYS B 73 0.14 22.16 -13.64
C CYS B 73 0.16 20.89 -14.48
N ARG B 74 1.21 20.71 -15.29
CA ARG B 74 1.35 19.48 -16.05
C ARG B 74 1.31 18.27 -15.13
N LYS B 75 2.03 18.34 -14.00
CA LYS B 75 2.01 17.27 -13.02
C LYS B 75 0.59 16.94 -12.60
N HIS B 76 -0.20 17.97 -12.28
CA HIS B 76 -1.57 17.74 -11.81
C HIS B 76 -2.43 17.11 -12.90
N PHE B 77 -2.43 17.70 -14.10
CA PHE B 77 -3.17 17.10 -15.21
C PHE B 77 -2.80 15.63 -15.38
N ILE B 78 -1.51 15.31 -15.28
CA ILE B 78 -1.04 13.96 -15.56
C ILE B 78 -1.40 13.00 -14.43
N GLN B 79 -1.47 13.49 -13.19
CA GLN B 79 -1.97 12.65 -12.11
C GLN B 79 -3.47 12.42 -12.26
N ALA B 80 -4.19 13.42 -12.79
CA ALA B 80 -5.61 13.25 -13.08
C ALA B 80 -5.82 12.22 -14.19
N ILE B 81 -4.90 12.17 -15.15
CA ILE B 81 -4.98 11.14 -16.19
C ILE B 81 -4.66 9.77 -15.61
N CYS B 82 -3.53 9.68 -14.89
CA CYS B 82 -3.18 8.42 -14.23
C CYS B 82 -4.34 7.90 -13.39
N PHE B 83 -5.09 8.81 -12.77
CA PHE B 83 -6.22 8.39 -11.96
C PHE B 83 -7.40 7.96 -12.81
N HIS B 84 -7.73 8.75 -13.84
CA HIS B 84 -8.80 8.39 -14.76
C HIS B 84 -8.58 6.99 -15.34
N GLU B 85 -7.33 6.66 -15.64
CA GLU B 85 -7.05 5.38 -16.28
C GLU B 85 -6.94 4.24 -15.28
N CYS B 86 -6.23 4.47 -14.17
CA CYS B 86 -5.73 3.38 -13.34
C CYS B 86 -6.63 3.01 -12.16
N SER B 87 -7.73 3.73 -11.94
CA SER B 87 -8.52 3.52 -10.72
C SER B 87 -9.53 2.40 -10.94
N PRO B 88 -9.40 1.24 -10.29
CA PRO B 88 -10.49 0.26 -10.31
C PRO B 88 -11.74 0.71 -9.57
N ASN B 89 -11.62 1.78 -8.77
CA ASN B 89 -12.62 2.18 -7.80
C ASN B 89 -13.69 3.11 -8.39
N LEU B 90 -13.67 3.34 -9.69
CA LEU B 90 -14.58 4.28 -10.34
C LEU B 90 -15.93 3.67 -10.69
N GLY B 91 -16.19 2.42 -10.34
CA GLY B 91 -17.36 1.71 -10.76
C GLY B 91 -18.68 2.45 -10.56
N PRO B 92 -18.92 2.98 -9.36
CA PRO B 92 -20.23 3.58 -9.09
C PRO B 92 -20.60 4.70 -10.05
N TRP B 93 -19.62 5.47 -10.52
CA TRP B 93 -19.86 6.59 -11.41
C TRP B 93 -19.75 6.21 -12.88
N ILE B 94 -19.58 4.92 -13.18
CA ILE B 94 -19.53 4.47 -14.55
C ILE B 94 -20.91 4.64 -15.17
N GLN B 95 -20.98 5.40 -16.26
CA GLN B 95 -22.18 5.62 -17.03
C GLN B 95 -21.88 5.30 -18.48
N PRO B 96 -22.90 5.08 -19.31
CA PRO B 96 -22.65 4.79 -20.73
C PRO B 96 -22.34 6.04 -21.53
N VAL B 97 -21.60 5.83 -22.63
CA VAL B 97 -21.44 6.89 -23.62
C VAL B 97 -22.66 6.95 -24.51
N VAL B 98 -23.16 5.81 -24.95
CA VAL B 98 -24.37 5.71 -25.75
C VAL B 98 -25.42 4.98 -24.93
N PRO B 99 -26.47 5.66 -24.47
CA PRO B 99 -27.49 4.96 -23.65
C PRO B 99 -28.14 3.80 -24.34
N ASN B 100 -28.13 3.76 -25.68
CA ASN B 100 -28.81 2.72 -26.44
C ASN B 100 -27.78 1.72 -26.94
N GLY B 101 -27.95 0.45 -26.54
CA GLY B 101 -27.03 -0.60 -26.93
C GLY B 101 -25.60 -0.25 -26.62
N GLN B 102 -25.33 0.11 -25.36
CA GLN B 102 -24.02 0.62 -24.99
C GLN B 102 -22.92 -0.38 -25.34
N GLU B 103 -21.99 0.05 -26.20
CA GLU B 103 -20.77 -0.69 -26.47
C GLU B 103 -19.55 -0.10 -25.79
N GLU B 104 -19.69 1.03 -25.10
CA GLU B 104 -18.55 1.71 -24.51
C GLU B 104 -18.96 2.31 -23.17
N GLN B 105 -17.96 2.75 -22.40
CA GLN B 105 -18.16 3.20 -21.03
C GLN B 105 -17.54 4.57 -20.83
N ARG B 106 -17.93 5.21 -19.73
CA ARG B 106 -17.48 6.54 -19.36
C ARG B 106 -17.67 6.69 -17.87
N VAL B 107 -17.05 7.73 -17.30
CA VAL B 107 -17.23 8.08 -15.89
C VAL B 107 -17.79 9.48 -15.81
N TRP B 108 -18.74 9.70 -14.89
CA TRP B 108 -19.40 10.98 -14.72
C TRP B 108 -19.42 11.36 -13.25
N GLY B 109 -18.76 12.47 -12.90
CA GLY B 109 -18.92 13.07 -11.60
C GLY B 109 -18.40 12.26 -10.43
N VAL B 110 -17.12 11.90 -10.45
CA VAL B 110 -16.49 11.25 -9.29
C VAL B 110 -16.06 12.35 -8.33
N PRO B 111 -16.57 12.38 -7.10
CA PRO B 111 -16.20 13.48 -6.19
C PRO B 111 -14.71 13.47 -5.89
N LEU B 112 -14.08 14.64 -6.07
CA LEU B 112 -12.67 14.81 -5.78
C LEU B 112 -12.52 15.77 -4.61
N CYS B 113 -11.69 15.39 -3.65
CA CYS B 113 -11.49 16.18 -2.44
C CYS B 113 -11.01 17.58 -2.80
N GLN B 114 -11.45 18.57 -2.01
CA GLN B 114 -11.11 19.97 -2.29
C GLN B 114 -9.61 20.21 -2.27
N GLU B 115 -8.83 19.32 -1.66
CA GLU B 115 -7.38 19.44 -1.75
C GLU B 115 -6.89 19.13 -3.15
N ASP B 116 -7.52 18.17 -3.83
CA ASP B 116 -7.14 17.84 -5.20
C ASP B 116 -7.56 18.97 -6.16
N CYS B 117 -8.84 19.35 -6.12
CA CYS B 117 -9.30 20.43 -6.97
C CYS B 117 -8.54 21.72 -6.72
N GLU B 118 -8.30 22.04 -5.45
CA GLU B 118 -7.64 23.31 -5.11
C GLU B 118 -6.16 23.28 -5.44
N ASP B 119 -5.47 22.17 -5.13
CA ASP B 119 -4.10 22.00 -5.60
C ASP B 119 -4.02 22.23 -7.10
N TRP B 120 -4.83 21.50 -7.85
CA TRP B 120 -4.89 21.67 -9.30
C TRP B 120 -5.05 23.13 -9.69
N TRP B 121 -6.03 23.80 -9.07
CA TRP B 121 -6.38 25.16 -9.47
C TRP B 121 -5.25 26.14 -9.19
N ARG B 122 -4.58 26.00 -8.05
CA ARG B 122 -3.49 26.92 -7.72
C ARG B 122 -2.26 26.64 -8.56
N ALA B 123 -1.98 25.37 -8.83
CA ALA B 123 -0.84 25.04 -9.67
C ALA B 123 -1.04 25.57 -11.09
N CYS B 124 -2.24 25.43 -11.64
CA CYS B 124 -2.53 25.92 -12.98
C CYS B 124 -2.97 27.37 -13.00
N HIS B 125 -2.99 28.05 -11.85
CA HIS B 125 -3.55 29.40 -11.78
C HIS B 125 -2.94 30.32 -12.84
N SER B 126 -1.61 30.39 -12.89
CA SER B 126 -0.93 31.30 -13.81
C SER B 126 -0.87 30.78 -15.24
N SER B 127 -1.27 29.53 -15.48
CA SER B 127 -1.19 28.96 -16.81
C SER B 127 -2.35 29.46 -17.68
N LEU B 128 -2.10 29.49 -18.98
CA LEU B 128 -3.04 30.06 -19.95
C LEU B 128 -3.38 29.00 -21.02
N THR B 129 -4.58 29.10 -21.57
CA THR B 129 -5.00 28.17 -22.61
C THR B 129 -6.08 28.83 -23.47
N CYS B 130 -6.24 28.30 -24.69
CA CYS B 130 -7.21 28.84 -25.62
C CYS B 130 -8.64 28.40 -25.28
N LYS B 131 -8.83 27.11 -25.05
CA LYS B 131 -10.16 26.53 -24.92
C LYS B 131 -10.36 25.99 -23.50
N SER B 132 -11.54 26.29 -22.93
CA SER B 132 -11.86 25.82 -21.59
C SER B 132 -12.18 24.34 -21.57
N ASN B 133 -12.81 23.82 -22.63
CA ASN B 133 -13.30 22.44 -22.67
C ASN B 133 -12.21 21.57 -23.28
N TRP B 134 -11.61 20.71 -22.45
CA TRP B 134 -10.38 19.99 -22.79
C TRP B 134 -10.62 18.59 -23.33
N LEU B 135 -11.88 18.19 -23.53
CA LEU B 135 -12.18 16.82 -23.93
C LEU B 135 -11.45 16.44 -25.20
N HIS B 136 -11.72 17.16 -26.29
CA HIS B 136 -11.11 16.85 -27.56
C HIS B 136 -11.06 18.11 -28.41
N GLY B 137 -10.13 18.11 -29.35
CA GLY B 137 -9.93 19.26 -30.22
C GLY B 137 -8.54 19.29 -30.82
N CYS B 153 -5.29 31.48 -25.29
CA CYS B 153 -4.32 31.47 -24.20
C CYS B 153 -4.69 32.48 -23.12
N LEU B 154 -5.90 32.35 -22.58
CA LEU B 154 -6.32 33.12 -21.43
C LEU B 154 -6.05 32.33 -20.15
N PRO B 155 -5.93 33.01 -19.00
CA PRO B 155 -5.51 32.31 -17.78
C PRO B 155 -6.56 31.34 -17.27
N PHE B 156 -6.11 30.45 -16.39
CA PHE B 156 -7.01 29.48 -15.77
C PHE B 156 -7.99 30.14 -14.81
N SER B 157 -7.56 31.19 -14.11
CA SER B 157 -8.44 31.88 -13.19
C SER B 157 -9.59 32.59 -13.92
N TYR B 158 -9.40 32.90 -15.21
CA TYR B 158 -10.48 33.47 -16.01
C TYR B 158 -11.45 32.41 -16.48
N HIS B 159 -10.94 31.27 -16.95
CA HIS B 159 -11.82 30.18 -17.38
C HIS B 159 -12.55 29.57 -16.19
N PHE B 160 -11.81 29.19 -15.15
CA PHE B 160 -12.40 28.57 -13.97
C PHE B 160 -12.23 29.49 -12.76
N PRO B 161 -13.28 30.17 -12.29
CA PRO B 161 -13.12 31.04 -11.12
C PRO B 161 -12.91 30.29 -9.82
N THR B 162 -13.30 29.02 -9.76
CA THR B 162 -13.21 28.22 -8.54
C THR B 162 -12.54 26.89 -8.84
N PRO B 163 -11.85 26.29 -7.87
CA PRO B 163 -11.38 24.91 -8.06
C PRO B 163 -12.50 23.95 -8.39
N ASP B 164 -13.73 24.25 -7.99
CA ASP B 164 -14.85 23.39 -8.34
C ASP B 164 -15.18 23.48 -9.82
N ASP B 165 -15.14 24.69 -10.38
CA ASP B 165 -15.31 24.84 -11.83
C ASP B 165 -14.19 24.15 -12.58
N LEU B 166 -12.97 24.18 -12.03
CA LEU B 166 -11.87 23.47 -12.66
C LEU B 166 -12.12 21.97 -12.65
N CYS B 167 -12.38 21.40 -11.48
CA CYS B 167 -12.62 19.96 -11.37
C CYS B 167 -13.76 19.53 -12.29
N GLU B 168 -14.91 20.19 -12.19
CA GLU B 168 -16.09 19.73 -12.93
C GLU B 168 -15.97 20.03 -14.42
N LYS B 169 -15.75 21.30 -14.78
CA LYS B 169 -15.87 21.68 -16.19
C LYS B 169 -14.72 21.14 -17.04
N ILE B 170 -13.55 20.93 -16.43
CA ILE B 170 -12.49 20.20 -17.13
C ILE B 170 -12.98 18.78 -17.38
N TRP B 171 -12.90 18.35 -18.64
CA TRP B 171 -13.18 16.96 -19.01
C TRP B 171 -14.62 16.55 -18.65
N ASN B 172 -15.57 17.42 -18.99
CA ASN B 172 -16.97 17.01 -19.13
C ASN B 172 -17.58 16.56 -17.80
N ASN B 173 -17.18 17.19 -16.70
CA ASN B 173 -17.67 16.79 -15.39
C ASN B 173 -17.32 15.34 -15.09
N THR B 174 -16.27 14.83 -15.75
CA THR B 174 -15.79 13.50 -15.42
C THR B 174 -15.51 13.40 -13.92
N PHE B 175 -14.89 14.43 -13.36
CA PHE B 175 -14.76 14.57 -11.92
C PHE B 175 -15.81 15.55 -11.41
N LYS B 176 -16.57 15.11 -10.42
CA LYS B 176 -17.41 16.02 -9.65
C LYS B 176 -16.55 16.72 -8.62
N ALA B 177 -16.75 18.03 -8.46
CA ALA B 177 -15.98 18.77 -7.47
C ALA B 177 -16.57 18.50 -6.10
N SER B 178 -15.79 17.88 -5.23
CA SER B 178 -16.36 17.49 -3.95
C SER B 178 -16.06 18.56 -2.90
N PRO B 179 -17.03 18.90 -2.05
CA PRO B 179 -16.69 19.73 -0.88
C PRO B 179 -15.89 18.96 0.16
N GLU B 180 -16.05 17.64 0.21
CA GLU B 180 -15.48 16.85 1.29
C GLU B 180 -13.97 16.75 1.17
N ARG B 181 -13.28 17.01 2.28
CA ARG B 181 -11.83 16.98 2.36
C ARG B 181 -11.31 15.53 2.42
N ARG B 182 -10.01 15.40 2.17
CA ARG B 182 -9.39 14.11 1.89
C ARG B 182 -9.69 13.06 2.95
N ASN B 183 -9.29 13.33 4.20
CA ASN B 183 -9.48 12.33 5.25
C ASN B 183 -10.95 12.10 5.59
N SER B 184 -11.86 12.91 5.05
CA SER B 184 -13.29 12.74 5.34
C SER B 184 -13.80 11.38 4.88
N GLY B 185 -13.14 10.76 3.90
CA GLY B 185 -13.57 9.46 3.41
C GLY B 185 -14.80 9.48 2.52
N ARG B 186 -15.40 10.64 2.27
CA ARG B 186 -16.50 10.77 1.34
C ARG B 186 -16.08 11.27 -0.04
N CYS B 187 -14.79 11.49 -0.26
CA CYS B 187 -14.28 12.02 -1.51
C CYS B 187 -13.12 11.17 -1.99
N LEU B 188 -12.98 11.08 -3.32
CA LEU B 188 -11.88 10.36 -3.93
C LEU B 188 -10.68 11.29 -4.11
N GLN B 189 -9.50 10.74 -3.92
CA GLN B 189 -8.25 11.47 -4.08
C GLN B 189 -7.68 11.20 -5.46
N LYS B 190 -7.09 12.23 -6.07
CA LYS B 190 -6.53 12.09 -7.41
C LYS B 190 -5.22 11.32 -7.41
N TRP B 191 -4.42 11.45 -6.35
CA TRP B 191 -3.15 10.75 -6.24
C TRP B 191 -2.83 10.54 -4.77
N PHE B 192 -2.12 9.44 -4.48
CA PHE B 192 -1.68 9.16 -3.12
C PHE B 192 -0.32 8.50 -3.19
N GLU B 193 0.40 8.55 -2.07
CA GLU B 193 1.73 7.96 -2.02
C GLU B 193 1.67 6.49 -2.40
N PRO B 194 2.55 6.00 -3.28
CA PRO B 194 2.45 4.57 -3.67
C PRO B 194 2.66 3.63 -2.51
N THR B 195 3.64 3.91 -1.64
CA THR B 195 3.88 3.05 -0.50
C THR B 195 2.68 3.00 0.44
N LEU B 196 1.94 4.10 0.55
CA LEU B 196 0.83 4.18 1.49
C LEU B 196 -0.38 3.42 0.97
N SER B 197 -1.27 3.05 1.90
CA SER B 197 -2.49 2.34 1.55
C SER B 197 -3.41 3.24 0.73
N ASN B 198 -4.25 2.60 -0.09
CA ASN B 198 -5.14 3.33 -0.99
C ASN B 198 -6.40 3.76 -0.22
N PRO B 199 -6.58 5.06 0.03
CA PRO B 199 -7.77 5.49 0.79
C PRO B 199 -9.06 5.40 0.00
N ASN B 200 -9.00 5.33 -1.33
CA ASN B 200 -10.20 5.51 -2.15
C ASN B 200 -11.13 4.31 -2.11
N VAL B 201 -10.60 3.11 -1.84
CA VAL B 201 -11.43 1.91 -1.91
C VAL B 201 -12.61 2.02 -0.94
N GLU B 202 -12.33 2.44 0.30
CA GLU B 202 -13.41 2.62 1.27
C GLU B 202 -14.49 3.53 0.72
N VAL B 203 -14.08 4.57 -0.01
CA VAL B 203 -15.02 5.56 -0.52
C VAL B 203 -15.86 4.97 -1.66
N ALA B 204 -15.19 4.26 -2.58
CA ALA B 204 -15.89 3.65 -3.70
C ALA B 204 -16.91 2.63 -3.22
N LEU B 205 -16.46 1.64 -2.43
CA LEU B 205 -17.39 0.69 -1.86
C LEU B 205 -18.51 1.41 -1.11
N HIS B 206 -18.15 2.44 -0.35
CA HIS B 206 -19.13 3.19 0.42
C HIS B 206 -20.25 3.72 -0.48
N PHE B 207 -19.89 4.40 -1.57
CA PHE B 207 -20.92 4.97 -2.44
C PHE B 207 -21.66 3.88 -3.20
N ALA B 208 -20.95 2.82 -3.61
CA ALA B 208 -21.58 1.76 -4.38
C ALA B 208 -22.68 1.07 -3.59
N HIS B 209 -22.32 0.48 -2.44
CA HIS B 209 -23.30 -0.29 -1.69
C HIS B 209 -24.21 0.59 -0.86
N HIS B 210 -23.67 1.67 -0.29
CA HIS B 210 -24.46 2.60 0.49
C HIS B 210 -25.20 3.58 -0.44
N HIS B 211 -26.29 4.13 0.09
CA HIS B 211 -27.11 5.07 -0.67
C HIS B 211 -26.30 6.33 -1.00
N HIS B 212 -26.69 6.99 -2.09
CA HIS B 212 -26.09 8.27 -2.45
C HIS B 212 -26.73 9.39 -1.62
C1 NAG C . -20.07 16.72 -22.22
C2 NAG C . -20.02 15.84 -23.44
C3 NAG C . -21.41 15.74 -24.07
C4 NAG C . -22.41 15.23 -23.04
C5 NAG C . -22.34 16.05 -21.75
C6 NAG C . -23.10 15.39 -20.62
C7 NAG C . -18.23 15.50 -25.09
C8 NAG C . -17.31 16.15 -26.08
N2 NAG C . -19.06 16.32 -24.42
O3 NAG C . -21.36 14.85 -25.17
O4 NAG C . -23.72 15.33 -23.58
O5 NAG C . -21.00 16.19 -21.29
O6 NAG C . -22.59 15.81 -19.36
O7 NAG C . -18.22 14.28 -24.90
H1 NAG C . -20.39 17.60 -22.50
H2 NAG C . -19.76 14.94 -23.17
H3 NAG C . -21.67 16.63 -24.37
H4 NAG C . -22.21 14.29 -22.84
H5 NAG C . -22.72 16.94 -21.92
H61 NAG C . -23.01 14.43 -20.70
H62 NAG C . -24.05 15.64 -20.68
H81 NAG C . -17.00 17.00 -25.71
H82 NAG C . -17.80 16.31 -26.91
H83 NAG C . -16.55 15.57 -26.24
HN2 NAG C . -19.03 17.21 -24.60
HO3 NAG C . -21.01 14.08 -24.92
HO4 NAG C . -23.88 16.18 -23.81
HO6 NAG C . -21.83 16.25 -19.48
#